data_5PH1
#
_entry.id   5PH1
#
_cell.length_a   71.314
_cell.length_b   71.314
_cell.length_c   150.095
_cell.angle_alpha   90.000
_cell.angle_beta   90.000
_cell.angle_gamma   90.000
#
_symmetry.space_group_name_H-M   'P 43 21 2'
#
loop_
_entity.id
_entity.type
_entity.pdbx_description
1 polymer 'Lysine-specific demethylase 4D'
2 non-polymer 'ZINC ION'
3 non-polymer 'NICKEL (II) ION'
4 non-polymer N-OXALYLGLYCINE
5 non-polymer 1,2-ETHANEDIOL
6 non-polymer 'SULFATE ION'
7 non-polymer 6-fluoro-1,3-benzothiazol-2-amine
8 water water
#
_entity_poly.entity_id   1
_entity_poly.type   'polypeptide(L)'
_entity_poly.pdbx_seq_one_letter_code
;MHHHHHHSSGVDLGTENLYFQSMETMKSKANCAQNPNCNIMIFHPTKEEFNDFDKYIAYMESQGAHRAGLAKIIPPKEWK
ARETYDNISEILIATPLQQVASGRAGVFTQYHKKKKAMTVGEYRHLANSKKYQTPPHQNFEDLERKYWKNRIYNSPIYGA
DISGSLFDENTKQWNLGHLGTIQDLLEKECGVVIEGVNTPYLYFGMWKTTFAWHTEDMDLYSINYLHLGEPKTWYVVPPE
HGQRLERLARELFPGSSRGCGAFLRHKVALISPTVLKENGIPFNRITQEAGEFMVTFPYGYHAGFNHGFNCAEAINFATP
RWIDYGKMASQCSCGEARVTFSMDAFVRILQPERYDLWKRGQDR
;
_entity_poly.pdbx_strand_id   A
#
# COMPACT_ATOMS: atom_id res chain seq x y z
N ALA A 33 -25.88 -1.92 11.75
CA ALA A 33 -24.63 -2.02 11.01
C ALA A 33 -23.43 -2.30 11.92
N GLN A 34 -22.59 -3.22 11.50
CA GLN A 34 -21.42 -3.61 12.28
CA GLN A 34 -21.43 -3.60 12.28
C GLN A 34 -20.32 -2.57 12.19
N ASN A 35 -19.63 -2.35 13.30
CA ASN A 35 -18.52 -1.40 13.39
C ASN A 35 -18.86 0.01 12.87
N PRO A 36 -19.93 0.63 13.38
CA PRO A 36 -20.38 1.91 12.83
C PRO A 36 -19.38 3.05 13.05
N ASN A 37 -18.54 2.96 14.08
CA ASN A 37 -17.53 4.00 14.31
C ASN A 37 -16.28 3.77 13.46
N CYS A 38 -16.25 2.70 12.66
CA CYS A 38 -15.14 2.45 11.73
C CYS A 38 -13.80 2.27 12.42
N ASN A 39 -13.82 1.57 13.55
CA ASN A 39 -12.59 1.23 14.26
C ASN A 39 -11.79 0.16 13.55
N ILE A 40 -10.47 0.26 13.66
CA ILE A 40 -9.60 -0.82 13.17
C ILE A 40 -9.79 -2.05 14.06
N MET A 41 -10.21 -3.15 13.45
CA MET A 41 -10.41 -4.40 14.16
C MET A 41 -9.20 -5.31 14.07
N ILE A 42 -8.99 -6.10 15.12
CA ILE A 42 -7.88 -7.04 15.21
C ILE A 42 -8.46 -8.45 15.34
N PHE A 43 -7.99 -9.35 14.49
CA PHE A 43 -8.51 -10.71 14.44
C PHE A 43 -7.47 -11.73 14.85
N HIS A 44 -7.93 -12.77 15.54
CA HIS A 44 -7.09 -13.87 15.99
C HIS A 44 -7.63 -15.21 15.49
N PRO A 45 -7.51 -15.48 14.18
CA PRO A 45 -8.02 -16.76 13.66
C PRO A 45 -7.32 -17.97 14.27
N THR A 46 -8.10 -19.03 14.48
CA THR A 46 -7.52 -20.32 14.83
C THR A 46 -6.87 -20.93 13.60
N LYS A 47 -6.08 -21.98 13.79
CA LYS A 47 -5.46 -22.62 12.64
C LYS A 47 -6.51 -23.20 11.70
N GLU A 48 -7.64 -23.63 12.24
CA GLU A 48 -8.73 -24.12 11.39
C GLU A 48 -9.33 -22.98 10.55
N GLU A 49 -9.51 -21.83 11.16
CA GLU A 49 -10.04 -20.67 10.46
C GLU A 49 -9.07 -20.08 9.43
N PHE A 50 -7.80 -20.44 9.56
CA PHE A 50 -6.73 -19.88 8.73
C PHE A 50 -6.54 -20.67 7.43
N ASN A 51 -7.37 -21.67 7.20
CA ASN A 51 -7.21 -22.50 6.00
C ASN A 51 -7.80 -21.85 4.75
N ASP A 52 -8.95 -21.20 4.91
CA ASP A 52 -9.70 -20.66 3.78
C ASP A 52 -9.61 -19.15 3.78
N PHE A 53 -8.72 -18.62 2.95
CA PHE A 53 -8.44 -17.19 2.93
C PHE A 53 -9.67 -16.36 2.59
N ASP A 54 -10.31 -16.69 1.46
N ASP A 54 -10.33 -16.70 1.48
CA ASP A 54 -11.49 -15.94 1.01
CA ASP A 54 -11.46 -15.91 1.03
C ASP A 54 -12.57 -15.91 2.09
C ASP A 54 -12.65 -15.95 2.00
N LYS A 55 -12.81 -17.07 2.69
CA LYS A 55 -13.85 -17.20 3.71
C LYS A 55 -13.56 -16.31 4.90
N TYR A 56 -12.28 -16.20 5.28
CA TYR A 56 -11.97 -15.39 6.45
C TYR A 56 -12.08 -13.90 6.14
N ILE A 57 -11.69 -13.47 4.93
CA ILE A 57 -11.93 -12.08 4.57
C ILE A 57 -13.42 -11.77 4.63
N ALA A 58 -14.25 -12.67 4.09
CA ALA A 58 -15.69 -12.46 4.13
C ALA A 58 -16.20 -12.39 5.59
N TYR A 59 -15.64 -13.24 6.45
CA TYR A 59 -16.00 -13.19 7.86
C TYR A 59 -15.64 -11.84 8.49
N MET A 60 -14.43 -11.36 8.23
N MET A 60 -14.43 -11.37 8.24
CA MET A 60 -14.01 -10.08 8.78
CA MET A 60 -14.02 -10.07 8.79
C MET A 60 -14.99 -8.97 8.35
C MET A 60 -14.99 -8.98 8.36
N GLU A 61 -15.39 -8.99 7.09
CA GLU A 61 -16.32 -7.98 6.60
C GLU A 61 -17.71 -8.15 7.22
N SER A 62 -18.12 -9.38 7.53
CA SER A 62 -19.41 -9.59 8.19
C SER A 62 -19.42 -8.94 9.58
N GLN A 63 -18.23 -8.74 10.14
CA GLN A 63 -18.10 -8.09 11.43
C GLN A 63 -17.84 -6.59 11.30
N GLY A 64 -17.85 -6.08 10.07
CA GLY A 64 -17.66 -4.65 9.82
C GLY A 64 -16.23 -4.19 9.69
N ALA A 65 -15.28 -5.11 9.53
CA ALA A 65 -13.87 -4.73 9.53
C ALA A 65 -13.55 -3.73 8.42
N HIS A 66 -14.16 -3.91 7.26
CA HIS A 66 -13.84 -3.05 6.12
C HIS A 66 -14.20 -1.59 6.35
N ARG A 67 -15.11 -1.31 7.27
CA ARG A 67 -15.51 0.08 7.48
C ARG A 67 -14.33 0.95 7.94
N ALA A 68 -13.35 0.36 8.61
CA ALA A 68 -12.16 1.09 9.02
C ALA A 68 -11.21 1.41 7.89
N GLY A 69 -11.21 0.57 6.84
CA GLY A 69 -10.23 0.70 5.76
C GLY A 69 -9.01 -0.18 5.97
N LEU A 70 -8.83 -0.70 7.19
CA LEU A 70 -7.64 -1.45 7.58
C LEU A 70 -8.01 -2.42 8.70
N ALA A 71 -7.47 -3.64 8.66
CA ALA A 71 -7.62 -4.60 9.75
C ALA A 71 -6.29 -5.26 10.03
N LYS A 72 -6.09 -5.69 11.27
CA LYS A 72 -4.93 -6.49 11.64
C LYS A 72 -5.36 -7.95 11.82
N ILE A 73 -4.55 -8.87 11.32
CA ILE A 73 -4.77 -10.29 11.54
C ILE A 73 -3.53 -10.92 12.15
N ILE A 74 -3.69 -11.45 13.36
CA ILE A 74 -2.60 -12.12 14.04
C ILE A 74 -2.73 -13.61 13.73
N PRO A 75 -1.70 -14.19 13.06
CA PRO A 75 -1.81 -15.61 12.67
C PRO A 75 -1.86 -16.53 13.88
N PRO A 76 -2.42 -17.75 13.70
CA PRO A 76 -2.40 -18.76 14.76
C PRO A 76 -0.98 -19.02 15.26
N LYS A 77 -0.84 -19.35 16.53
CA LYS A 77 0.49 -19.56 17.10
C LYS A 77 1.25 -20.71 16.42
N GLU A 78 0.51 -21.62 15.78
CA GLU A 78 1.11 -22.78 15.12
C GLU A 78 1.68 -22.46 13.74
N TRP A 79 1.37 -21.28 13.23
CA TRP A 79 1.71 -20.92 11.86
C TRP A 79 3.05 -20.21 11.76
N LYS A 80 3.73 -20.41 10.64
CA LYS A 80 4.91 -19.60 10.34
C LYS A 80 5.04 -19.37 8.84
N ALA A 81 5.62 -18.23 8.48
CA ALA A 81 5.80 -17.88 7.09
C ALA A 81 6.91 -18.71 6.45
N ARG A 82 7.97 -18.95 7.22
CA ARG A 82 9.12 -19.72 6.77
C ARG A 82 9.91 -20.12 8.02
N GLU A 83 10.90 -20.98 7.85
CA GLU A 83 11.62 -21.51 9.00
C GLU A 83 12.50 -20.48 9.68
N THR A 84 13.34 -19.80 8.91
CA THR A 84 14.21 -18.75 9.46
C THR A 84 14.44 -17.67 8.41
N TYR A 85 14.90 -16.51 8.87
CA TYR A 85 15.29 -15.44 7.97
C TYR A 85 16.80 -15.29 7.92
N ASP A 86 17.53 -16.32 8.29
CA ASP A 86 18.99 -16.26 8.43
CA ASP A 86 18.98 -16.17 8.44
C ASP A 86 19.71 -16.14 7.10
N ASN A 87 19.02 -16.40 5.99
CA ASN A 87 19.70 -16.42 4.69
C ASN A 87 19.13 -15.46 3.64
N ILE A 88 18.73 -14.27 4.06
CA ILE A 88 18.11 -13.32 3.13
C ILE A 88 19.04 -12.15 2.75
N SER A 89 20.26 -12.15 3.25
CA SER A 89 21.16 -11.02 3.07
CA SER A 89 21.12 -10.99 3.07
C SER A 89 21.62 -10.82 1.64
N GLU A 90 21.48 -11.85 0.81
CA GLU A 90 21.94 -11.76 -0.57
C GLU A 90 20.87 -11.33 -1.56
N ILE A 91 19.65 -11.11 -1.09
CA ILE A 91 18.64 -10.45 -1.91
C ILE A 91 19.19 -9.08 -2.34
N LEU A 92 18.99 -8.72 -3.61
CA LEU A 92 19.44 -7.42 -4.11
C LEU A 92 18.31 -6.41 -4.11
N ILE A 93 18.63 -5.23 -3.60
CA ILE A 93 17.78 -4.05 -3.78
C ILE A 93 18.40 -3.28 -4.95
N ALA A 94 17.88 -3.53 -6.15
CA ALA A 94 18.50 -2.99 -7.36
C ALA A 94 18.44 -1.48 -7.41
N THR A 95 17.37 -0.90 -6.87
CA THR A 95 17.19 0.53 -6.92
C THR A 95 16.67 1.06 -5.59
N PRO A 96 17.56 1.19 -4.60
CA PRO A 96 17.12 1.79 -3.34
C PRO A 96 16.68 3.23 -3.58
N LEU A 97 15.67 3.69 -2.83
CA LEU A 97 15.10 5.02 -3.04
C LEU A 97 15.33 5.93 -1.84
N GLN A 98 16.01 7.05 -2.05
CA GLN A 98 16.21 8.03 -1.00
C GLN A 98 15.00 8.96 -0.99
N GLN A 99 14.31 9.04 0.15
CA GLN A 99 13.03 9.74 0.23
C GLN A 99 13.23 11.17 0.76
N VAL A 100 13.32 12.11 -0.16
CA VAL A 100 13.66 13.49 0.16
C VAL A 100 12.38 14.31 0.33
N ALA A 101 12.21 14.98 1.48
CA ALA A 101 10.98 15.71 1.78
C ALA A 101 11.06 17.20 1.45
N SER A 102 9.90 17.78 1.15
CA SER A 102 9.73 19.22 0.97
C SER A 102 8.44 19.66 1.60
N GLY A 103 8.45 20.80 2.30
CA GLY A 103 7.23 21.31 2.88
C GLY A 103 7.41 21.63 4.35
N ARG A 104 6.36 21.37 5.12
N ARG A 104 6.37 21.40 5.14
CA ARG A 104 6.36 21.58 6.56
CA ARG A 104 6.45 21.61 6.58
C ARG A 104 6.39 20.22 7.24
C ARG A 104 6.22 20.27 7.27
N ALA A 105 6.53 20.22 8.57
CA ALA A 105 6.60 18.97 9.30
C ALA A 105 5.34 18.14 9.15
N GLY A 106 4.19 18.80 9.16
CA GLY A 106 2.93 18.09 9.10
C GLY A 106 2.26 18.02 7.73
N VAL A 107 2.82 18.71 6.74
CA VAL A 107 2.27 18.73 5.38
C VAL A 107 3.45 18.78 4.42
N PHE A 108 3.79 17.65 3.83
CA PHE A 108 4.97 17.63 2.97
C PHE A 108 4.80 16.63 1.84
N THR A 109 5.63 16.78 0.83
CA THR A 109 5.73 15.77 -0.20
C THR A 109 7.10 15.13 -0.13
N GLN A 110 7.24 13.95 -0.74
CA GLN A 110 8.55 13.33 -0.83
C GLN A 110 8.79 12.88 -2.26
N TYR A 111 10.03 13.05 -2.67
CA TYR A 111 10.40 12.50 -3.97
CA TYR A 111 10.60 12.71 -3.96
C TYR A 111 11.48 11.46 -3.77
N HIS A 112 11.53 10.55 -4.72
CA HIS A 112 12.38 9.38 -4.61
C HIS A 112 13.59 9.54 -5.51
N LYS A 113 14.75 9.66 -4.90
CA LYS A 113 16.02 9.73 -5.60
C LYS A 113 16.64 8.34 -5.68
N LYS A 114 16.92 7.89 -6.90
CA LYS A 114 17.49 6.56 -7.09
C LYS A 114 18.93 6.49 -6.64
N LYS A 115 19.27 5.43 -5.91
CA LYS A 115 20.62 5.19 -5.43
C LYS A 115 21.18 3.95 -6.08
N LYS A 116 22.48 3.73 -5.91
CA LYS A 116 23.11 2.53 -6.44
C LYS A 116 22.64 1.26 -5.72
N ALA A 117 22.65 0.14 -6.44
CA ALA A 117 22.19 -1.13 -5.89
C ALA A 117 22.96 -1.55 -4.64
N MET A 118 22.26 -2.24 -3.74
N MET A 118 22.23 -2.17 -3.70
CA MET A 118 22.92 -2.83 -2.59
CA MET A 118 22.84 -2.78 -2.51
C MET A 118 22.16 -4.07 -2.15
C MET A 118 22.17 -4.12 -2.24
N THR A 119 22.86 -4.99 -1.51
CA THR A 119 22.23 -6.20 -1.00
C THR A 119 21.43 -5.86 0.27
N VAL A 120 20.56 -6.77 0.66
CA VAL A 120 19.81 -6.60 1.90
C VAL A 120 20.78 -6.55 3.08
N GLY A 121 21.87 -7.31 3.03
CA GLY A 121 22.87 -7.26 4.10
C GLY A 121 23.48 -5.87 4.22
N GLU A 122 23.84 -5.29 3.08
CA GLU A 122 24.37 -3.93 3.07
C GLU A 122 23.35 -2.91 3.54
N TYR A 123 22.10 -3.10 3.13
CA TYR A 123 21.01 -2.20 3.50
C TYR A 123 20.76 -2.24 5.00
N ARG A 124 20.75 -3.44 5.56
CA ARG A 124 20.58 -3.58 7.00
C ARG A 124 21.69 -2.85 7.77
N HIS A 125 22.93 -3.01 7.31
CA HIS A 125 24.05 -2.33 7.93
C HIS A 125 23.87 -0.80 7.87
N LEU A 126 23.41 -0.30 6.72
CA LEU A 126 23.13 1.12 6.56
C LEU A 126 22.02 1.59 7.51
N ALA A 127 20.94 0.81 7.59
CA ALA A 127 19.82 1.12 8.47
C ALA A 127 20.26 1.25 9.93
N ASN A 128 21.22 0.42 10.31
CA ASN A 128 21.69 0.39 11.69
C ASN A 128 22.83 1.37 11.98
N SER A 129 23.27 2.11 10.97
CA SER A 129 24.36 3.06 11.15
C SER A 129 23.91 4.24 12.00
N LYS A 130 24.86 4.98 12.57
CA LYS A 130 24.49 6.12 13.40
C LYS A 130 23.62 7.14 12.65
N LYS A 131 23.87 7.32 11.34
CA LYS A 131 23.13 8.30 10.55
C LYS A 131 21.65 7.95 10.41
N TYR A 132 21.35 6.66 10.29
CA TYR A 132 20.01 6.23 9.92
C TYR A 132 19.23 5.46 10.99
N GLN A 133 19.90 5.06 12.07
N GLN A 133 19.90 5.07 12.08
CA GLN A 133 19.26 4.21 13.05
CA GLN A 133 19.30 4.20 13.07
C GLN A 133 18.15 4.91 13.84
C GLN A 133 18.22 4.89 13.92
N THR A 134 17.23 4.10 14.35
CA THR A 134 16.17 4.56 15.23
C THR A 134 16.74 5.25 16.45
N PRO A 135 16.23 6.44 16.80
CA PRO A 135 16.75 7.14 17.98
C PRO A 135 16.24 6.52 19.28
N PRO A 136 16.90 6.85 20.40
CA PRO A 136 16.35 6.47 21.71
C PRO A 136 14.93 6.99 21.85
N HIS A 137 14.05 6.20 22.46
CA HIS A 137 12.65 6.58 22.60
C HIS A 137 12.03 5.77 23.73
N GLN A 138 10.93 6.27 24.28
CA GLN A 138 10.31 5.63 25.43
C GLN A 138 9.35 4.50 25.05
N ASN A 139 8.62 4.69 23.95
CA ASN A 139 7.58 3.76 23.52
C ASN A 139 7.15 4.12 22.09
N PHE A 140 6.15 3.44 21.55
CA PHE A 140 5.69 3.71 20.18
C PHE A 140 5.20 5.16 20.03
N GLU A 141 4.49 5.67 21.03
CA GLU A 141 3.93 7.02 20.99
C GLU A 141 5.03 8.08 20.94
N ASP A 142 6.07 7.88 21.73
CA ASP A 142 7.23 8.76 21.73
C ASP A 142 7.89 8.75 20.35
N LEU A 143 8.05 7.55 19.79
CA LEU A 143 8.68 7.45 18.48
C LEU A 143 7.81 8.12 17.41
N GLU A 144 6.49 7.97 17.52
CA GLU A 144 5.56 8.63 16.60
C GLU A 144 5.71 10.16 16.66
N ARG A 145 5.82 10.71 17.86
N ARG A 145 5.81 10.70 17.86
CA ARG A 145 6.03 12.15 18.00
CA ARG A 145 6.04 12.13 18.05
C ARG A 145 7.33 12.60 17.33
C ARG A 145 7.32 12.58 17.34
N LYS A 146 8.39 11.83 17.54
CA LYS A 146 9.68 12.14 16.92
C LYS A 146 9.59 12.05 15.40
N TYR A 147 8.87 11.06 14.89
CA TYR A 147 8.71 10.92 13.45
C TYR A 147 8.08 12.19 12.88
N TRP A 148 6.93 12.62 13.40
CA TRP A 148 6.27 13.77 12.78
C TRP A 148 6.98 15.08 13.05
N LYS A 149 7.72 15.17 14.14
CA LYS A 149 8.49 16.37 14.41
C LYS A 149 9.67 16.50 13.45
N ASN A 150 10.32 15.38 13.15
CA ASN A 150 11.66 15.42 12.54
C ASN A 150 11.81 14.78 11.17
N ARG A 151 10.78 14.11 10.67
CA ARG A 151 10.87 13.37 9.41
C ARG A 151 11.43 14.22 8.28
N ILE A 152 10.97 15.45 8.14
CA ILE A 152 11.33 16.19 6.93
C ILE A 152 12.81 16.57 6.90
N TYR A 153 13.49 16.50 8.05
CA TYR A 153 14.88 16.91 8.12
C TYR A 153 15.86 15.79 7.80
N ASN A 154 15.34 14.64 7.41
CA ASN A 154 16.17 13.50 7.03
C ASN A 154 15.68 12.87 5.74
N SER A 155 16.52 12.07 5.10
CA SER A 155 16.15 11.39 3.87
CA SER A 155 16.13 11.39 3.88
C SER A 155 16.49 9.92 3.94
N PRO A 156 15.61 9.13 4.58
CA PRO A 156 15.87 7.69 4.72
C PRO A 156 15.83 7.00 3.36
N ILE A 157 16.42 5.81 3.30
CA ILE A 157 16.51 5.05 2.05
C ILE A 157 15.65 3.83 2.21
N TYR A 158 14.77 3.61 1.21
N TYR A 158 14.77 3.56 1.26
N TYR A 158 14.78 3.52 1.26
CA TYR A 158 13.74 2.55 1.16
CA TYR A 158 13.99 2.35 1.38
CA TYR A 158 13.95 2.34 1.46
C TYR A 158 14.04 1.56 0.02
C TYR A 158 13.94 1.56 0.10
C TYR A 158 13.66 1.55 0.18
N GLY A 159 13.94 0.26 0.29
CA GLY A 159 13.92 -0.67 -0.81
C GLY A 159 12.51 -1.12 -1.07
N ALA A 160 11.86 -0.52 -2.07
CA ALA A 160 10.44 -0.75 -2.29
C ALA A 160 10.16 -1.47 -3.59
N ASP A 161 9.00 -2.11 -3.64
CA ASP A 161 8.46 -2.68 -4.88
C ASP A 161 9.45 -3.66 -5.51
N ILE A 162 10.03 -4.53 -4.70
CA ILE A 162 10.93 -5.56 -5.18
C ILE A 162 10.13 -6.83 -5.44
N SER A 163 9.99 -7.23 -6.70
N SER A 163 10.03 -7.24 -6.70
CA SER A 163 9.23 -8.44 -6.99
CA SER A 163 9.28 -8.44 -7.03
C SER A 163 9.89 -9.64 -6.34
C SER A 163 9.90 -9.68 -6.39
N GLY A 164 9.12 -10.40 -5.58
CA GLY A 164 9.63 -11.57 -4.90
C GLY A 164 8.78 -11.97 -3.73
N SER A 165 9.15 -13.07 -3.09
CA SER A 165 8.42 -13.55 -1.91
C SER A 165 9.38 -14.20 -0.93
N LEU A 166 9.07 -14.08 0.36
CA LEU A 166 9.83 -14.77 1.39
C LEU A 166 9.00 -15.86 2.07
N PHE A 167 7.80 -16.14 1.55
CA PHE A 167 7.05 -17.29 2.06
C PHE A 167 7.65 -18.60 1.56
N ASP A 168 7.79 -19.56 2.47
CA ASP A 168 8.22 -20.91 2.10
C ASP A 168 7.16 -21.50 1.18
N GLU A 169 7.58 -22.18 0.12
CA GLU A 169 6.62 -22.78 -0.80
C GLU A 169 5.72 -23.79 -0.09
N ASN A 170 6.18 -24.35 1.03
CA ASN A 170 5.39 -25.32 1.78
C ASN A 170 4.44 -24.70 2.80
N THR A 171 4.47 -23.38 2.92
CA THR A 171 3.49 -22.69 3.74
C THR A 171 2.19 -22.62 2.96
N LYS A 172 1.18 -23.33 3.44
CA LYS A 172 -0.05 -23.45 2.67
C LYS A 172 -1.09 -22.40 3.01
N GLN A 173 -1.03 -21.84 4.22
CA GLN A 173 -2.03 -20.88 4.67
C GLN A 173 -1.51 -19.45 4.56
N TRP A 174 -2.31 -18.57 3.98
CA TRP A 174 -2.00 -17.13 3.89
C TRP A 174 -0.60 -16.88 3.32
N ASN A 175 -0.26 -17.66 2.31
CA ASN A 175 0.97 -17.52 1.55
C ASN A 175 0.70 -16.48 0.47
N LEU A 176 1.30 -15.30 0.57
CA LEU A 176 0.95 -14.21 -0.32
C LEU A 176 1.40 -14.44 -1.76
N GLY A 177 2.20 -15.47 -2.01
CA GLY A 177 2.55 -15.86 -3.36
C GLY A 177 1.65 -16.94 -3.94
N HIS A 178 0.65 -17.39 -3.16
CA HIS A 178 -0.26 -18.46 -3.60
C HIS A 178 -1.74 -18.04 -3.57
N LEU A 179 -2.01 -16.74 -3.57
CA LEU A 179 -3.41 -16.28 -3.54
C LEU A 179 -4.07 -16.42 -4.89
N GLY A 180 -5.39 -16.59 -4.90
CA GLY A 180 -6.15 -16.48 -6.13
C GLY A 180 -5.90 -15.12 -6.78
N THR A 181 -5.81 -15.11 -8.10
CA THR A 181 -5.43 -13.88 -8.80
C THR A 181 -6.61 -12.95 -9.03
N ILE A 182 -6.32 -11.67 -9.17
CA ILE A 182 -7.36 -10.69 -9.47
CA ILE A 182 -7.39 -10.72 -9.43
C ILE A 182 -7.98 -10.97 -10.82
N GLN A 183 -7.17 -11.44 -11.76
CA GLN A 183 -7.69 -11.77 -13.09
C GLN A 183 -8.69 -12.91 -13.00
N ASP A 184 -8.39 -13.91 -12.18
CA ASP A 184 -9.35 -15.01 -12.03
C ASP A 184 -10.60 -14.56 -11.28
N LEU A 185 -10.46 -13.62 -10.34
CA LEU A 185 -11.62 -13.10 -9.65
C LEU A 185 -12.55 -12.40 -10.66
N LEU A 186 -11.97 -11.55 -11.50
N LEU A 186 -11.97 -11.55 -11.51
CA LEU A 186 -12.76 -10.85 -12.51
CA LEU A 186 -12.74 -10.83 -12.50
C LEU A 186 -13.46 -11.84 -13.42
C LEU A 186 -13.44 -11.80 -13.46
N GLU A 187 -12.75 -12.88 -13.81
CA GLU A 187 -13.33 -13.89 -14.67
C GLU A 187 -14.49 -14.64 -13.99
N LYS A 188 -14.30 -15.01 -12.72
CA LYS A 188 -15.34 -15.70 -11.98
C LYS A 188 -16.59 -14.85 -11.81
N GLU A 189 -16.38 -13.55 -11.59
CA GLU A 189 -17.49 -12.65 -11.28
C GLU A 189 -18.21 -12.13 -12.53
N CYS A 190 -17.43 -11.85 -13.56
N CYS A 190 -17.45 -11.81 -13.57
CA CYS A 190 -17.93 -11.11 -14.72
CA CYS A 190 -18.08 -11.17 -14.72
C CYS A 190 -17.83 -11.88 -16.03
C CYS A 190 -17.87 -11.90 -16.04
N GLY A 191 -17.20 -13.04 -15.99
CA GLY A 191 -17.10 -13.91 -17.15
C GLY A 191 -16.10 -13.49 -18.20
N VAL A 192 -15.32 -12.45 -17.92
CA VAL A 192 -14.34 -11.96 -18.87
CA VAL A 192 -14.36 -11.99 -18.91
C VAL A 192 -12.96 -12.53 -18.59
N VAL A 193 -12.29 -12.99 -19.62
CA VAL A 193 -10.96 -13.52 -19.49
C VAL A 193 -9.99 -12.44 -19.94
N ILE A 194 -9.01 -12.12 -19.11
CA ILE A 194 -8.05 -11.07 -19.45
C ILE A 194 -6.62 -11.49 -19.21
N GLU A 195 -5.70 -10.84 -19.92
CA GLU A 195 -4.28 -10.97 -19.68
C GLU A 195 -3.91 -10.35 -18.33
N GLY A 196 -2.70 -10.66 -17.87
CA GLY A 196 -2.14 -10.02 -16.69
C GLY A 196 -1.84 -11.04 -15.61
N VAL A 197 -0.91 -10.65 -14.75
CA VAL A 197 -0.52 -11.47 -13.62
C VAL A 197 -0.44 -10.58 -12.40
N ASN A 198 -0.23 -11.21 -11.25
N ASN A 198 -0.47 -11.16 -11.22
CA ASN A 198 -0.46 -10.64 -9.92
CA ASN A 198 -0.14 -10.38 -10.05
C ASN A 198 0.52 -11.25 -8.88
C ASN A 198 0.62 -11.23 -9.10
N THR A 199 1.71 -10.65 -8.68
CA THR A 199 2.70 -11.29 -7.81
C THR A 199 3.10 -10.37 -6.65
N PRO A 200 3.67 -10.93 -5.58
CA PRO A 200 3.99 -10.08 -4.42
C PRO A 200 5.20 -9.18 -4.60
N TYR A 201 5.29 -8.18 -3.73
N TYR A 201 5.26 -8.16 -3.76
CA TYR A 201 6.45 -7.30 -3.66
CA TYR A 201 6.38 -7.23 -3.62
C TYR A 201 7.02 -7.26 -2.25
C TYR A 201 7.04 -7.39 -2.25
N LEU A 202 8.34 -7.17 -2.19
CA LEU A 202 9.06 -7.03 -0.93
C LEU A 202 9.41 -5.56 -0.69
N TYR A 203 9.42 -5.18 0.58
CA TYR A 203 9.75 -3.84 1.03
C TYR A 203 10.74 -3.91 2.16
N PHE A 204 11.92 -3.35 1.97
CA PHE A 204 12.90 -3.26 3.05
C PHE A 204 12.94 -1.84 3.54
N GLY A 205 12.66 -1.64 4.83
CA GLY A 205 12.56 -0.30 5.39
C GLY A 205 13.57 -0.02 6.46
N MET A 206 13.66 1.25 6.82
CA MET A 206 14.49 1.69 7.92
C MET A 206 13.75 2.82 8.64
N TRP A 207 14.29 3.29 9.76
CA TRP A 207 13.68 4.40 10.48
C TRP A 207 13.32 5.56 9.54
N LYS A 208 12.08 6.02 9.68
CA LYS A 208 11.52 7.17 8.95
C LYS A 208 11.13 6.89 7.51
N THR A 209 11.43 5.71 6.98
CA THR A 209 10.94 5.31 5.70
CA THR A 209 10.94 5.42 5.64
C THR A 209 9.41 5.47 5.68
N THR A 210 8.86 6.03 4.61
CA THR A 210 7.51 6.55 4.61
C THR A 210 6.68 6.05 3.44
N PHE A 211 5.43 5.66 3.68
CA PHE A 211 4.52 5.46 2.56
C PHE A 211 3.45 6.56 2.61
N ALA A 212 3.34 7.27 1.50
CA ALA A 212 2.45 8.41 1.35
C ALA A 212 0.98 8.00 1.32
N TRP A 213 0.09 8.97 1.52
CA TRP A 213 -1.36 8.73 1.47
C TRP A 213 -1.80 8.18 0.12
N HIS A 214 -2.45 7.02 0.12
CA HIS A 214 -2.92 6.44 -1.14
C HIS A 214 -3.98 5.40 -0.89
N THR A 215 -4.75 5.12 -1.93
CA THR A 215 -5.48 3.86 -2.02
C THR A 215 -4.75 2.97 -3.01
N GLU A 216 -5.14 1.70 -3.09
CA GLU A 216 -4.46 0.79 -4.01
C GLU A 216 -4.85 1.09 -5.45
N ASP A 217 -4.02 0.63 -6.40
CA ASP A 217 -4.45 0.58 -7.78
C ASP A 217 -5.81 -0.14 -7.76
N MET A 218 -6.60 0.62 -8.53
N MET A 218 -6.62 0.57 -8.57
CA MET A 218 -7.95 0.30 -8.96
CA MET A 218 -7.99 0.24 -8.96
C MET A 218 -8.79 0.18 -7.73
C MET A 218 -8.83 0.19 -7.72
N ASP A 219 -8.41 0.92 -6.68
CA ASP A 219 -8.97 0.66 -5.34
C ASP A 219 -9.14 -0.80 -4.91
N LEU A 220 -8.13 -1.62 -5.22
CA LEU A 220 -8.06 -3.01 -4.79
C LEU A 220 -7.83 -3.14 -3.28
N TYR A 221 -7.99 -4.35 -2.76
CA TYR A 221 -7.48 -4.65 -1.42
C TYR A 221 -5.96 -4.76 -1.49
N SER A 222 -5.31 -4.63 -0.33
CA SER A 222 -3.95 -5.12 -0.22
CA SER A 222 -3.94 -5.09 -0.20
C SER A 222 -3.82 -5.93 1.05
N ILE A 223 -2.85 -6.84 1.07
CA ILE A 223 -2.49 -7.56 2.26
C ILE A 223 -0.98 -7.45 2.41
N ASN A 224 -0.55 -7.20 3.64
CA ASN A 224 0.82 -6.86 3.97
C ASN A 224 1.26 -7.69 5.16
N TYR A 225 2.31 -8.49 4.98
CA TYR A 225 2.88 -9.27 6.07
C TYR A 225 4.22 -8.70 6.48
N LEU A 226 4.38 -8.39 7.75
CA LEU A 226 5.67 -7.90 8.25
C LEU A 226 6.52 -9.12 8.66
N HIS A 227 7.45 -9.48 7.78
CA HIS A 227 8.25 -10.70 7.96
C HIS A 227 9.19 -10.62 9.15
N LEU A 228 9.84 -9.47 9.32
N LEU A 228 9.83 -9.48 9.32
CA LEU A 228 11.03 -9.40 10.16
CA LEU A 228 10.87 -9.36 10.31
C LEU A 228 11.38 -7.95 10.53
C LEU A 228 11.14 -7.92 10.64
N GLY A 229 11.81 -7.73 11.76
CA GLY A 229 12.35 -6.44 12.14
C GLY A 229 11.42 -5.55 12.94
N GLU A 230 11.66 -4.25 12.81
CA GLU A 230 10.98 -3.26 13.63
C GLU A 230 9.59 -2.95 13.09
N PRO A 231 8.73 -2.33 13.92
CA PRO A 231 7.34 -2.14 13.50
C PRO A 231 7.11 -1.15 12.36
N LYS A 232 5.86 -1.15 11.93
CA LYS A 232 5.35 -0.24 10.91
CA LYS A 232 5.36 -0.19 10.94
C LYS A 232 4.08 0.40 11.48
N THR A 233 4.03 1.74 11.55
CA THR A 233 2.81 2.42 12.00
C THR A 233 1.98 2.84 10.80
N TRP A 234 0.68 2.58 10.87
CA TRP A 234 -0.29 2.86 9.81
C TRP A 234 -1.30 3.91 10.26
N TYR A 235 -1.69 4.76 9.31
CA TYR A 235 -2.83 5.66 9.44
C TYR A 235 -3.82 5.31 8.35
N VAL A 236 -5.12 5.41 8.64
CA VAL A 236 -6.12 5.02 7.65
C VAL A 236 -7.40 5.85 7.80
N VAL A 237 -7.98 6.22 6.65
CA VAL A 237 -9.26 6.90 6.62
C VAL A 237 -10.34 5.91 6.18
N PRO A 238 -11.46 5.85 6.91
CA PRO A 238 -12.56 4.95 6.49
C PRO A 238 -12.94 5.18 5.03
N PRO A 239 -13.17 4.11 4.26
CA PRO A 239 -13.58 4.27 2.87
C PRO A 239 -14.78 5.20 2.69
N GLU A 240 -15.74 5.17 3.61
CA GLU A 240 -16.91 6.02 3.46
C GLU A 240 -16.58 7.51 3.61
N HIS A 241 -15.37 7.82 4.09
CA HIS A 241 -14.94 9.20 4.24
C HIS A 241 -13.72 9.59 3.39
N GLY A 242 -13.37 8.73 2.42
CA GLY A 242 -12.21 9.01 1.60
C GLY A 242 -12.25 10.34 0.90
N GLN A 243 -13.43 10.77 0.47
CA GLN A 243 -13.51 12.02 -0.26
CA GLN A 243 -13.58 12.04 -0.24
C GLN A 243 -13.21 13.23 0.63
N ARG A 244 -13.39 13.09 1.96
CA ARG A 244 -12.98 14.14 2.88
C ARG A 244 -11.47 14.32 2.87
N LEU A 245 -10.73 13.22 2.86
CA LEU A 245 -9.29 13.30 2.74
C LEU A 245 -8.88 13.93 1.41
N GLU A 246 -9.55 13.54 0.33
CA GLU A 246 -9.24 14.09 -0.98
C GLU A 246 -9.45 15.62 -1.02
N ARG A 247 -10.55 16.08 -0.44
CA ARG A 247 -10.82 17.51 -0.40
C ARG A 247 -9.73 18.27 0.39
N LEU A 248 -9.33 17.73 1.53
CA LEU A 248 -8.26 18.37 2.29
C LEU A 248 -6.95 18.36 1.49
N ALA A 249 -6.65 17.23 0.85
CA ALA A 249 -5.42 17.15 0.07
C ALA A 249 -5.41 18.21 -1.03
N ARG A 250 -6.55 18.44 -1.68
N ARG A 250 -6.56 18.43 -1.68
CA ARG A 250 -6.63 19.46 -2.73
CA ARG A 250 -6.62 19.45 -2.73
C ARG A 250 -6.37 20.86 -2.18
C ARG A 250 -6.31 20.84 -2.16
N GLU A 251 -6.79 21.10 -0.95
CA GLU A 251 -6.54 22.38 -0.29
C GLU A 251 -5.07 22.51 0.11
N LEU A 252 -4.47 21.42 0.59
CA LEU A 252 -3.10 21.47 1.11
C LEU A 252 -2.02 21.39 0.04
N PHE A 253 -2.36 20.81 -1.11
CA PHE A 253 -1.42 20.69 -2.23
C PHE A 253 -2.07 21.26 -3.49
N PRO A 254 -2.30 22.59 -3.50
CA PRO A 254 -3.16 23.16 -4.54
C PRO A 254 -2.57 23.07 -5.96
N GLY A 255 -1.26 23.27 -6.11
CA GLY A 255 -0.63 23.12 -7.41
C GLY A 255 -0.74 21.69 -7.94
N SER A 256 -0.53 20.71 -7.05
CA SER A 256 -0.62 19.32 -7.45
C SER A 256 -2.03 18.98 -7.91
N SER A 257 -3.01 19.53 -7.21
CA SER A 257 -4.40 19.31 -7.55
C SER A 257 -4.75 19.87 -8.94
N ARG A 258 -4.22 21.05 -9.26
N ARG A 258 -4.22 21.05 -9.26
CA ARG A 258 -4.44 21.62 -10.58
CA ARG A 258 -4.46 21.63 -10.58
C ARG A 258 -3.85 20.74 -11.66
C ARG A 258 -3.81 20.80 -11.68
N GLY A 259 -2.69 20.14 -11.36
CA GLY A 259 -1.97 19.34 -12.34
C GLY A 259 -2.60 17.99 -12.65
N CYS A 260 -3.35 17.45 -11.70
CA CYS A 260 -3.93 16.11 -11.87
C CYS A 260 -5.15 15.92 -10.98
N GLY A 261 -6.23 15.39 -11.57
CA GLY A 261 -7.48 15.18 -10.85
C GLY A 261 -7.45 14.03 -9.87
N ALA A 262 -6.34 13.29 -9.84
CA ALA A 262 -6.18 12.17 -8.91
C ALA A 262 -4.73 12.13 -8.44
N PHE A 263 -4.20 13.26 -7.99
CA PHE A 263 -2.76 13.32 -7.73
C PHE A 263 -2.31 12.47 -6.54
N LEU A 264 -3.23 12.02 -5.68
CA LEU A 264 -2.80 11.13 -4.60
C LEU A 264 -2.32 9.79 -5.19
N ARG A 265 -2.72 9.48 -6.43
CA ARG A 265 -2.20 8.32 -7.15
C ARG A 265 -0.68 8.40 -7.33
N HIS A 266 -0.11 9.60 -7.22
CA HIS A 266 1.33 9.76 -7.37
C HIS A 266 2.09 9.24 -6.16
N LYS A 267 1.39 9.06 -5.04
CA LYS A 267 1.95 8.51 -3.81
C LYS A 267 3.16 9.31 -3.32
N VAL A 268 2.98 10.61 -3.18
CA VAL A 268 4.05 11.46 -2.68
C VAL A 268 3.61 12.43 -1.56
N ALA A 269 2.32 12.45 -1.20
CA ALA A 269 1.82 13.45 -0.24
C ALA A 269 1.64 12.89 1.17
N LEU A 270 2.15 13.63 2.14
CA LEU A 270 1.98 13.28 3.55
C LEU A 270 1.26 14.39 4.30
N ILE A 271 0.35 13.96 5.18
CA ILE A 271 -0.39 14.84 6.06
C ILE A 271 -0.36 14.18 7.43
N SER A 272 0.03 14.92 8.47
CA SER A 272 0.19 14.33 9.81
C SER A 272 -1.15 14.11 10.52
N PRO A 273 -1.16 13.24 11.55
CA PRO A 273 -2.40 13.08 12.31
C PRO A 273 -2.87 14.39 12.97
N THR A 274 -1.93 15.24 13.37
CA THR A 274 -2.31 16.53 13.95
C THR A 274 -3.08 17.38 12.94
N VAL A 275 -2.59 17.44 11.71
CA VAL A 275 -3.26 18.23 10.68
C VAL A 275 -4.61 17.59 10.30
N LEU A 276 -4.68 16.26 10.25
CA LEU A 276 -5.96 15.60 10.01
C LEU A 276 -6.97 15.98 11.10
N LYS A 277 -6.54 15.92 12.36
CA LYS A 277 -7.42 16.28 13.46
C LYS A 277 -7.88 17.73 13.38
N GLU A 278 -6.94 18.64 13.06
CA GLU A 278 -7.27 20.07 12.95
C GLU A 278 -8.35 20.32 11.91
N ASN A 279 -8.38 19.46 10.89
CA ASN A 279 -9.32 19.61 9.79
C ASN A 279 -10.51 18.65 9.86
N GLY A 280 -10.66 17.99 11.00
CA GLY A 280 -11.81 17.13 11.22
C GLY A 280 -11.91 15.90 10.33
N ILE A 281 -10.78 15.42 9.81
CA ILE A 281 -10.78 14.22 8.98
C ILE A 281 -10.83 12.98 9.84
N PRO A 282 -11.82 12.12 9.63
CA PRO A 282 -11.86 10.88 10.42
C PRO A 282 -10.74 9.93 10.01
N PHE A 283 -10.02 9.41 11.00
CA PHE A 283 -8.93 8.47 10.72
C PHE A 283 -8.64 7.64 11.95
N ASN A 284 -7.90 6.56 11.77
CA ASN A 284 -7.40 5.76 12.86
C ASN A 284 -5.95 5.43 12.63
N ARG A 285 -5.30 4.91 13.68
CA ARG A 285 -3.90 4.53 13.58
C ARG A 285 -3.68 3.22 14.31
N ILE A 286 -2.67 2.47 13.89
CA ILE A 286 -2.30 1.25 14.55
C ILE A 286 -0.87 0.89 14.18
N THR A 287 -0.18 0.19 15.07
CA THR A 287 1.17 -0.25 14.76
C THR A 287 1.20 -1.75 14.54
N GLN A 288 1.77 -2.15 13.40
CA GLN A 288 1.95 -3.53 13.01
C GLN A 288 3.33 -4.01 13.45
N GLU A 289 3.40 -5.20 14.07
CA GLU A 289 4.67 -5.76 14.49
C GLU A 289 5.00 -7.01 13.68
N ALA A 290 6.25 -7.43 13.75
CA ALA A 290 6.70 -8.59 12.98
C ALA A 290 5.83 -9.80 13.30
N GLY A 291 5.46 -10.53 12.25
CA GLY A 291 4.62 -11.70 12.41
C GLY A 291 3.15 -11.41 12.23
N GLU A 292 2.79 -10.17 11.90
CA GLU A 292 1.38 -9.78 11.79
C GLU A 292 1.02 -9.38 10.37
N PHE A 293 -0.20 -9.72 9.96
CA PHE A 293 -0.77 -9.26 8.69
C PHE A 293 -1.60 -8.01 8.88
N MET A 294 -1.58 -7.13 7.87
CA MET A 294 -2.57 -6.05 7.75
C MET A 294 -3.28 -6.23 6.42
N VAL A 295 -4.59 -5.97 6.43
CA VAL A 295 -5.34 -5.91 5.17
C VAL A 295 -5.89 -4.50 4.99
N THR A 296 -5.66 -3.89 3.83
CA THR A 296 -6.37 -2.67 3.50
C THR A 296 -7.53 -3.00 2.59
N PHE A 297 -8.62 -2.26 2.76
CA PHE A 297 -9.87 -2.54 2.05
C PHE A 297 -10.07 -1.52 0.93
N PRO A 298 -10.89 -1.87 -0.07
CA PRO A 298 -11.10 -0.98 -1.20
C PRO A 298 -11.41 0.46 -0.79
N TYR A 299 -10.63 1.39 -1.34
CA TYR A 299 -10.79 2.83 -1.16
C TYR A 299 -10.51 3.25 0.29
N GLY A 300 -9.72 2.45 1.00
CA GLY A 300 -9.22 2.84 2.32
C GLY A 300 -7.87 3.54 2.17
N TYR A 301 -7.86 4.88 2.24
CA TYR A 301 -6.63 5.64 2.18
C TYR A 301 -5.76 5.29 3.35
N HIS A 302 -4.48 5.06 3.11
CA HIS A 302 -3.56 4.78 4.18
C HIS A 302 -2.18 5.40 3.92
N ALA A 303 -1.42 5.57 5.00
CA ALA A 303 -0.08 6.15 4.99
C ALA A 303 0.62 5.60 6.21
N GLY A 304 1.93 5.74 6.29
CA GLY A 304 2.60 5.32 7.50
C GLY A 304 4.11 5.38 7.41
N PHE A 305 4.76 4.77 8.39
CA PHE A 305 6.22 4.84 8.47
C PHE A 305 6.79 3.64 9.20
N ASN A 306 8.04 3.34 8.92
CA ASN A 306 8.74 2.25 9.57
C ASN A 306 9.56 2.73 10.77
N HIS A 307 9.63 1.89 11.81
CA HIS A 307 10.32 2.24 13.04
C HIS A 307 11.82 2.03 12.99
N GLY A 308 12.29 1.20 12.06
CA GLY A 308 13.66 0.75 12.02
C GLY A 308 13.78 -0.28 10.92
N PHE A 309 14.92 -0.98 10.84
CA PHE A 309 15.09 -1.98 9.80
C PHE A 309 13.98 -3.01 9.84
N ASN A 310 13.33 -3.25 8.70
CA ASN A 310 12.34 -4.31 8.61
C ASN A 310 12.17 -4.78 7.18
N CYS A 311 11.38 -5.84 7.04
CA CYS A 311 11.05 -6.39 5.74
C CYS A 311 9.60 -6.80 5.73
N ALA A 312 8.85 -6.26 4.77
CA ALA A 312 7.44 -6.60 4.59
C ALA A 312 7.21 -7.15 3.19
N GLU A 313 6.15 -7.93 3.04
CA GLU A 313 5.73 -8.45 1.74
C GLU A 313 4.28 -8.09 1.56
N ALA A 314 3.91 -7.62 0.37
CA ALA A 314 2.54 -7.21 0.14
C ALA A 314 2.09 -7.53 -1.27
N ILE A 315 0.78 -7.68 -1.43
CA ILE A 315 0.20 -7.96 -2.74
C ILE A 315 -1.22 -7.42 -2.75
N ASN A 316 -1.69 -7.02 -3.93
CA ASN A 316 -3.10 -6.69 -4.09
C ASN A 316 -3.95 -7.92 -4.32
N PHE A 317 -5.20 -7.87 -3.88
CA PHE A 317 -6.14 -8.93 -4.17
C PHE A 317 -7.54 -8.34 -4.31
N ALA A 318 -8.45 -9.17 -4.79
CA ALA A 318 -9.83 -8.77 -5.01
C ALA A 318 -10.81 -9.76 -4.40
N THR A 319 -12.02 -9.29 -4.18
CA THR A 319 -13.15 -10.13 -3.78
C THR A 319 -14.34 -9.68 -4.63
N PRO A 320 -15.48 -10.39 -4.56
CA PRO A 320 -16.63 -9.89 -5.32
C PRO A 320 -17.04 -8.46 -4.93
N ARG A 321 -16.89 -8.08 -3.66
CA ARG A 321 -17.28 -6.74 -3.23
C ARG A 321 -16.40 -5.66 -3.86
N TRP A 322 -15.19 -6.01 -4.26
CA TRP A 322 -14.29 -5.03 -4.87
C TRP A 322 -14.79 -4.51 -6.22
N ILE A 323 -15.51 -5.33 -6.99
CA ILE A 323 -15.77 -5.00 -8.39
C ILE A 323 -16.39 -3.60 -8.53
N ASP A 324 -17.35 -3.25 -7.70
CA ASP A 324 -17.96 -1.93 -7.80
C ASP A 324 -16.98 -0.80 -7.48
N TYR A 325 -16.03 -1.03 -6.58
CA TYR A 325 -15.00 -0.04 -6.31
C TYR A 325 -14.07 0.09 -7.52
N GLY A 326 -13.71 -1.03 -8.14
CA GLY A 326 -12.88 -0.96 -9.33
C GLY A 326 -13.51 -0.13 -10.43
N LYS A 327 -14.83 -0.27 -10.60
CA LYS A 327 -15.56 0.50 -11.61
C LYS A 327 -15.47 2.00 -11.38
N MET A 328 -15.39 2.38 -10.11
CA MET A 328 -15.48 3.78 -9.70
CA MET A 328 -15.48 3.79 -9.73
C MET A 328 -14.14 4.43 -9.40
N ALA A 329 -13.06 3.64 -9.45
CA ALA A 329 -11.75 4.13 -9.04
C ALA A 329 -11.29 5.31 -9.88
N SER A 330 -10.78 6.34 -9.22
N SER A 330 -10.79 6.34 -9.21
CA SER A 330 -10.26 7.51 -9.93
CA SER A 330 -10.15 7.45 -9.88
C SER A 330 -8.85 7.23 -10.46
C SER A 330 -8.95 6.97 -10.65
N GLN A 331 -8.55 7.75 -11.65
CA GLN A 331 -7.29 7.48 -12.32
C GLN A 331 -6.46 8.73 -12.53
N CYS A 332 -5.14 8.55 -12.46
N CYS A 332 -5.15 8.58 -12.41
CA CYS A 332 -4.20 9.56 -12.91
CA CYS A 332 -4.21 9.67 -12.69
C CYS A 332 -3.98 9.42 -14.41
C CYS A 332 -4.40 10.17 -14.12
N SER A 333 -4.28 10.48 -15.16
N SER A 333 -4.52 11.49 -14.29
CA SER A 333 -4.09 10.49 -16.60
CA SER A 333 -4.79 12.06 -15.60
C SER A 333 -3.08 11.56 -17.01
C SER A 333 -3.59 12.77 -16.21
N CYS A 334 -2.57 12.30 -16.02
N CYS A 334 -2.45 12.76 -15.52
CA CYS A 334 -1.54 13.31 -16.28
CA CYS A 334 -1.28 13.50 -15.98
C CYS A 334 -0.25 12.60 -16.64
C CYS A 334 -0.08 12.66 -16.39
N GLY A 335 -0.16 11.34 -16.22
CA GLY A 335 0.92 10.47 -16.61
C GLY A 335 1.99 10.21 -15.57
N GLU A 336 1.85 10.82 -14.40
N GLU A 336 1.91 10.89 -14.44
CA GLU A 336 2.85 10.66 -13.34
CA GLU A 336 2.92 10.73 -13.40
C GLU A 336 2.75 9.33 -12.58
C GLU A 336 2.86 9.31 -12.84
N ALA A 337 1.57 8.72 -12.57
N ALA A 337 1.65 8.85 -12.54
CA ALA A 337 1.32 7.52 -11.77
CA ALA A 337 1.46 7.49 -12.06
C ALA A 337 2.17 6.32 -12.20
C ALA A 337 1.13 6.56 -13.21
N ARG A 338 2.15 6.02 -13.49
N ARG A 338 2.15 5.90 -13.75
CA ARG A 338 2.96 4.94 -14.07
CA ARG A 338 1.97 5.00 -14.88
C ARG A 338 2.82 3.61 -13.34
C ARG A 338 1.16 3.76 -14.50
N VAL A 339 1.89 2.78 -13.80
N VAL A 339 0.20 3.42 -15.35
CA VAL A 339 1.58 1.53 -13.12
CA VAL A 339 -0.61 2.24 -15.15
C VAL A 339 1.89 0.28 -13.96
C VAL A 339 0.15 0.98 -15.58
N THR A 340 1.67 -0.88 -13.36
N THR A 340 0.24 0.01 -14.68
CA THR A 340 1.88 -2.16 -14.04
CA THR A 340 0.96 -1.23 -14.97
C THR A 340 0.94 -2.32 -15.23
C THR A 340 0.30 -2.04 -16.07
N PHE A 341 1.32 -3.15 -16.19
N PHE A 341 1.04 -3.01 -16.59
CA PHE A 341 0.47 -3.36 -17.35
CA PHE A 341 0.54 -3.90 -17.63
C PHE A 341 -0.74 -4.23 -16.98
C PHE A 341 -0.80 -4.52 -17.24
N SER A 342 -0.68 -4.84 -15.81
N SER A 342 -0.85 -5.09 -16.05
CA SER A 342 -1.82 -5.59 -15.31
CA SER A 342 -2.04 -5.82 -15.64
C SER A 342 -3.04 -4.67 -15.18
C SER A 342 -3.19 -4.87 -15.27
N MET A 343 -2.79 -3.40 -14.92
N MET A 343 -2.87 -3.71 -14.72
CA MET A 343 -3.87 -2.44 -14.76
CA MET A 343 -3.93 -2.77 -14.37
C MET A 343 -4.56 -2.10 -16.07
C MET A 343 -4.64 -2.25 -15.64
N ASP A 344 -3.84 -2.25 -17.19
N ASP A 344 -3.95 -2.24 -16.77
CA ASP A 344 -4.42 -1.97 -18.49
CA ASP A 344 -4.54 -1.82 -18.04
C ASP A 344 -5.76 -2.65 -18.65
C ASP A 344 -5.82 -2.60 -18.40
N ALA A 345 -5.78 -3.93 -18.30
CA ALA A 345 -6.97 -4.74 -18.54
C ALA A 345 -8.10 -4.39 -17.59
N PHE A 346 -7.75 -4.08 -16.35
N PHE A 346 -7.79 -4.03 -16.36
CA PHE A 346 -8.77 -3.66 -15.37
CA PHE A 346 -8.85 -3.69 -15.42
C PHE A 346 -9.51 -2.42 -15.89
C PHE A 346 -9.51 -2.36 -15.79
N VAL A 347 -8.75 -1.43 -16.33
CA VAL A 347 -9.34 -0.17 -16.80
C VAL A 347 -10.15 -0.46 -18.07
N ARG A 348 -9.58 -1.27 -18.96
N ARG A 348 -9.59 -1.27 -18.97
CA ARG A 348 -10.24 -1.59 -20.22
CA ARG A 348 -10.25 -1.56 -20.23
C ARG A 348 -11.62 -2.19 -20.03
C ARG A 348 -11.63 -2.21 -20.04
N ILE A 349 -11.73 -3.14 -19.10
CA ILE A 349 -12.99 -3.84 -18.88
C ILE A 349 -13.92 -3.07 -17.93
N LEU A 350 -13.40 -2.56 -16.81
CA LEU A 350 -14.27 -1.94 -15.83
C LEU A 350 -14.55 -0.47 -16.12
N GLN A 351 -13.65 0.19 -16.84
N GLN A 351 -13.65 0.21 -16.83
CA GLN A 351 -13.78 1.64 -17.12
CA GLN A 351 -13.83 1.63 -17.12
C GLN A 351 -13.56 1.95 -18.60
C GLN A 351 -13.56 1.93 -18.59
N PRO A 352 -14.35 1.32 -19.49
CA PRO A 352 -14.08 1.50 -20.92
C PRO A 352 -14.12 2.94 -21.39
N GLU A 353 -14.95 3.80 -20.81
CA GLU A 353 -14.93 5.20 -21.24
C GLU A 353 -13.58 5.85 -20.94
N ARG A 354 -13.06 5.62 -19.76
N ARG A 354 -13.08 5.61 -19.74
CA ARG A 354 -11.82 6.27 -19.33
CA ARG A 354 -11.78 6.12 -19.33
C ARG A 354 -10.58 5.70 -20.01
C ARG A 354 -10.69 5.59 -20.25
N TYR A 355 -10.73 4.53 -20.62
N TYR A 355 -10.76 4.29 -20.51
CA TYR A 355 -9.59 3.75 -21.10
CA TYR A 355 -9.77 3.62 -21.34
C TYR A 355 -8.69 4.52 -22.05
C TYR A 355 -9.72 4.20 -22.76
N ASP A 356 -9.28 5.16 -23.06
N ASP A 356 -10.89 4.40 -23.36
CA ASP A 356 -8.51 5.89 -24.06
CA ASP A 356 -10.98 4.92 -24.72
C ASP A 356 -7.67 7.01 -23.44
C ASP A 356 -10.44 6.34 -24.78
N LEU A 357 -8.31 7.83 -22.61
N LEU A 357 -10.77 7.15 -23.78
CA LEU A 357 -7.62 8.94 -21.96
CA LEU A 357 -10.27 8.51 -23.73
C LEU A 357 -6.56 8.45 -20.97
C LEU A 357 -8.75 8.55 -23.64
N TRP A 358 -6.87 7.36 -20.27
N TRP A 358 -8.19 7.67 -22.82
CA TRP A 358 -5.97 6.80 -19.27
CA TRP A 358 -6.73 7.65 -22.65
C TRP A 358 -4.71 6.21 -19.90
C TRP A 358 -6.02 7.24 -23.93
N LYS A 359 -4.88 5.56 -21.04
N LYS A 359 -6.56 6.24 -24.62
CA LYS A 359 -3.77 4.87 -21.70
CA LYS A 359 -5.94 5.74 -25.84
C LYS A 359 -2.79 5.84 -22.33
C LYS A 359 -6.14 6.70 -27.01
N ARG A 360 -3.28 7.03 -22.67
N ARG A 360 -7.24 7.44 -26.99
CA ARG A 360 -2.41 8.08 -23.21
CA ARG A 360 -7.50 8.45 -28.01
C ARG A 360 -1.41 8.56 -22.16
C ARG A 360 -6.55 9.64 -27.85
N GLY A 361 -1.86 8.60 -20.90
N GLY A 361 -6.07 9.85 -26.63
CA GLY A 361 -0.99 8.96 -19.80
CA GLY A 361 -5.17 10.95 -26.35
C GLY A 361 0.05 7.89 -19.58
C GLY A 361 -3.72 10.50 -26.25
N GLN A 362 -0.33 6.64 -19.79
CA GLN A 362 0.59 5.52 -19.66
C GLN A 362 1.57 5.49 -20.83
N ASP A 363 1.12 5.98 -21.98
CA ASP A 363 1.95 6.00 -23.18
C ASP A 363 2.19 7.43 -23.68
#